data_3K2E
#
_entry.id   3K2E
#
_cell.length_a   80.000
_cell.length_b   89.400
_cell.length_c   78.500
_cell.angle_alpha   90.00
_cell.angle_beta   90.00
_cell.angle_gamma   90.00
#
_symmetry.space_group_name_H-M   'P 21 21 2'
#
loop_
_entity.id
_entity.type
_entity.pdbx_description
1 polymer 'Enoyl-(Acyl-carrier-protein) reductase'
2 non-polymer 1,2-ETHANEDIOL
3 non-polymer GLYCEROL
4 water water
#
_entity_poly.entity_id   1
_entity_poly.type   'polypeptide(L)'
_entity_poly.pdbx_seq_one_letter_code
;MAHHHHHHMGTLEAQTQGPGSMRTGMLMEGKKGVIIGVANDKSLAWGIAKAVCAQGAEVALTYLSETFKKRVDPLAESLG
VKLTVPCDVSDAESVDNMFKVLAEEWGSLDFVVHAVAFSDKNELKGRYVDTSLGNFLTSMHISCYSFTYIASKAEPLMTN
GGSILTLSYYGAEKVVPHYNVMGVCKAALEASVKYLAVDLGKQQIRVNAISAGPVRTLASSGISDFHYILTWNKYNSPLR
RNTTLDDVGGAALYLLSDLGRGTTGETVHVDCGYHVVGMKSVDAPDISRVKGDHSV
;
_entity_poly.pdbx_strand_id   A,B
#
# COMPACT_ATOMS: atom_id res chain seq x y z
N ARG A 23 -31.04 22.77 -3.35
CA ARG A 23 -29.95 23.12 -2.37
C ARG A 23 -30.57 23.25 -1.01
N THR A 24 -29.92 22.69 0.00
CA THR A 24 -30.46 22.67 1.35
C THR A 24 -29.61 23.37 2.41
N GLY A 25 -28.43 23.86 2.08
CA GLY A 25 -27.65 24.59 3.08
C GLY A 25 -26.48 25.30 2.46
N MET A 26 -25.60 25.82 3.29
CA MET A 26 -24.53 26.69 2.79
C MET A 26 -23.11 26.30 3.23
N LEU A 27 -22.95 25.05 3.66
CA LEU A 27 -21.66 24.61 4.20
C LEU A 27 -20.55 24.75 3.18
N MET A 28 -20.86 24.64 1.89
CA MET A 28 -19.84 24.70 0.83
C MET A 28 -19.92 25.93 -0.07
N GLU A 29 -20.64 26.92 0.41
CA GLU A 29 -20.91 28.14 -0.38
C GLU A 29 -19.59 28.85 -0.67
N GLY A 30 -19.35 29.15 -1.94
CA GLY A 30 -18.11 29.81 -2.36
C GLY A 30 -16.93 28.87 -2.62
N LYS A 31 -17.14 27.57 -2.45
CA LYS A 31 -16.08 26.59 -2.61
C LYS A 31 -16.22 25.97 -3.98
N LYS A 32 -15.13 26.00 -4.73
CA LYS A 32 -15.06 25.41 -6.06
C LYS A 32 -14.22 24.15 -6.02
N GLY A 33 -14.67 23.12 -6.73
CA GLY A 33 -13.99 21.85 -6.70
C GLY A 33 -14.34 20.92 -7.84
N VAL A 34 -13.47 19.96 -8.09
CA VAL A 34 -13.67 19.02 -9.17
C VAL A 34 -13.90 17.66 -8.54
N ILE A 35 -14.90 16.95 -9.04
CA ILE A 35 -15.17 15.61 -8.58
C ILE A 35 -14.87 14.66 -9.74
N ILE A 36 -13.96 13.71 -9.51
CA ILE A 36 -13.48 12.75 -10.53
C ILE A 36 -14.08 11.39 -10.23
N GLY A 37 -14.96 10.88 -11.10
CA GLY A 37 -15.50 9.53 -10.97
C GLY A 37 -17.01 9.39 -10.98
N VAL A 38 -17.74 10.43 -11.36
CA VAL A 38 -19.21 10.37 -11.35
C VAL A 38 -19.60 9.84 -12.72
N ALA A 39 -19.94 8.56 -12.80
CA ALA A 39 -20.41 7.96 -14.08
C ALA A 39 -21.92 7.63 -14.12
N ASN A 40 -22.59 7.64 -12.96
CA ASN A 40 -24.00 7.31 -12.83
C ASN A 40 -24.52 7.93 -11.53
N ASP A 41 -25.79 7.72 -11.22
CA ASP A 41 -26.36 8.28 -10.00
C ASP A 41 -26.37 7.27 -8.85
N LYS A 42 -25.55 6.21 -8.91
CA LYS A 42 -25.57 5.21 -7.85
C LYS A 42 -24.27 5.16 -7.04
N SER A 43 -23.24 5.89 -7.49
CA SER A 43 -21.88 5.75 -6.98
C SER A 43 -21.58 6.64 -5.77
N LEU A 44 -20.53 6.29 -5.04
CA LEU A 44 -20.07 7.14 -3.96
C LEU A 44 -19.78 8.56 -4.47
N ALA A 45 -19.22 8.65 -5.66
CA ALA A 45 -18.84 9.92 -6.21
C ALA A 45 -20.10 10.78 -6.45
N TRP A 46 -21.19 10.15 -6.90
CA TRP A 46 -22.43 10.84 -7.08
C TRP A 46 -22.95 11.32 -5.74
N GLY A 47 -22.93 10.44 -4.73
CA GLY A 47 -23.37 10.80 -3.42
C GLY A 47 -22.64 12.00 -2.83
N ILE A 48 -21.34 12.07 -3.11
CA ILE A 48 -20.52 13.23 -2.72
C ILE A 48 -20.88 14.49 -3.50
N ALA A 49 -21.05 14.35 -4.82
CA ALA A 49 -21.41 15.48 -5.68
C ALA A 49 -22.73 16.08 -5.24
N LYS A 50 -23.71 15.23 -4.97
CA LYS A 50 -25.01 15.67 -4.53
C LYS A 50 -24.97 16.41 -3.20
N ALA A 51 -24.23 15.86 -2.24
CA ALA A 51 -24.13 16.49 -0.93
C ALA A 51 -23.45 17.89 -1.05
N VAL A 52 -22.32 18.00 -1.77
CA VAL A 52 -21.60 19.26 -1.80
C VAL A 52 -22.35 20.30 -2.67
N CYS A 53 -22.97 19.86 -3.78
CA CYS A 53 -23.82 20.77 -4.54
C CYS A 53 -25.03 21.26 -3.71
N ALA A 54 -25.68 20.34 -2.98
CA ALA A 54 -26.79 20.70 -2.10
C ALA A 54 -26.38 21.76 -1.06
N GLN A 55 -25.10 21.84 -0.73
CA GLN A 55 -24.55 22.81 0.23
C GLN A 55 -23.85 24.00 -0.44
N GLY A 56 -24.12 24.22 -1.74
CA GLY A 56 -23.72 25.48 -2.35
C GLY A 56 -22.37 25.43 -3.05
N ALA A 57 -21.74 24.25 -3.15
CA ALA A 57 -20.48 24.17 -3.85
C ALA A 57 -20.65 24.42 -5.33
N GLU A 58 -19.60 24.95 -5.95
CA GLU A 58 -19.47 25.04 -7.38
C GLU A 58 -18.58 23.92 -7.86
N VAL A 59 -19.16 23.02 -8.65
CA VAL A 59 -18.51 21.76 -8.98
C VAL A 59 -18.28 21.61 -10.46
N ALA A 60 -17.14 21.07 -10.77
CA ALA A 60 -16.84 20.54 -12.11
C ALA A 60 -16.86 19.04 -12.04
N LEU A 61 -17.51 18.39 -12.99
CA LEU A 61 -17.47 16.91 -13.05
C LEU A 61 -16.64 16.47 -14.24
N THR A 62 -15.83 15.43 -14.07
CA THR A 62 -15.10 14.90 -15.15
C THR A 62 -15.86 13.73 -15.77
N TYR A 63 -15.52 13.44 -17.01
CA TYR A 63 -16.02 12.25 -17.72
C TYR A 63 -14.84 11.64 -18.50
N LEU A 64 -14.87 10.32 -18.68
CA LEU A 64 -13.71 9.58 -19.18
C LEU A 64 -13.28 10.02 -20.59
N SER A 65 -14.25 10.21 -21.48
CA SER A 65 -13.95 10.56 -22.90
C SER A 65 -15.22 11.02 -23.59
N GLU A 66 -15.09 11.55 -24.82
CA GLU A 66 -16.25 12.08 -25.58
C GLU A 66 -17.42 11.10 -25.58
N THR A 67 -17.12 9.81 -25.73
CA THR A 67 -18.12 8.71 -25.64
C THR A 67 -19.09 8.77 -24.46
N PHE A 68 -18.57 9.14 -23.30
CA PHE A 68 -19.34 9.14 -22.06
C PHE A 68 -19.90 10.50 -21.66
N LYS A 69 -19.64 11.53 -22.46
CA LYS A 69 -20.16 12.87 -22.15
C LYS A 69 -21.69 12.79 -21.99
N LYS A 70 -22.34 12.07 -22.92
CA LYS A 70 -23.80 11.83 -22.88
C LYS A 70 -24.27 11.22 -21.56
N ARG A 71 -23.46 10.35 -20.94
CA ARG A 71 -23.84 9.76 -19.64
C ARG A 71 -23.77 10.81 -18.53
N VAL A 72 -22.74 11.67 -18.60
CA VAL A 72 -22.49 12.66 -17.52
C VAL A 72 -23.36 13.90 -17.58
N ASP A 73 -23.67 14.36 -18.79
CA ASP A 73 -24.47 15.59 -18.96
C ASP A 73 -25.74 15.63 -18.11
N PRO A 74 -26.59 14.61 -18.19
CA PRO A 74 -27.81 14.68 -17.39
C PRO A 74 -27.56 14.70 -15.86
N LEU A 75 -26.51 14.03 -15.41
CA LEU A 75 -26.16 13.97 -13.99
C LEU A 75 -25.77 15.38 -13.58
N ALA A 76 -24.91 15.97 -14.40
CA ALA A 76 -24.47 17.38 -14.25
C ALA A 76 -25.64 18.34 -14.25
N GLU A 77 -26.52 18.23 -15.25
CA GLU A 77 -27.68 19.10 -15.33
C GLU A 77 -28.46 18.98 -14.03
N SER A 78 -28.71 17.77 -13.59
CA SER A 78 -29.55 17.59 -12.41
C SER A 78 -28.90 18.16 -11.13
N LEU A 79 -27.58 18.20 -11.07
CA LEU A 79 -26.88 18.79 -9.90
C LEU A 79 -26.70 20.29 -10.03
N GLY A 80 -26.99 20.85 -11.19
CA GLY A 80 -26.74 22.24 -11.47
C GLY A 80 -25.32 22.55 -11.89
N VAL A 81 -24.56 21.52 -12.26
CA VAL A 81 -23.18 21.68 -12.66
C VAL A 81 -23.09 22.23 -14.09
N LYS A 82 -22.27 23.25 -14.32
CA LYS A 82 -22.15 23.88 -15.62
C LYS A 82 -20.84 23.53 -16.32
N LEU A 83 -19.89 22.94 -15.60
CA LEU A 83 -18.56 22.67 -16.20
C LEU A 83 -18.29 21.17 -16.09
N THR A 84 -18.27 20.49 -17.23
CA THR A 84 -17.84 19.11 -17.30
C THR A 84 -16.61 19.06 -18.18
N VAL A 85 -15.67 18.21 -17.81
CA VAL A 85 -14.36 18.18 -18.45
C VAL A 85 -13.87 16.74 -18.66
N PRO A 86 -13.28 16.43 -19.84
CA PRO A 86 -12.75 15.09 -19.99
C PRO A 86 -11.59 14.82 -19.04
N CYS A 87 -11.49 13.60 -18.54
CA CYS A 87 -10.35 13.24 -17.74
C CYS A 87 -10.20 11.75 -17.68
N ASP A 88 -9.10 11.27 -18.26
CA ASP A 88 -8.76 9.88 -18.13
C ASP A 88 -7.50 9.91 -17.26
N VAL A 89 -7.62 9.41 -16.03
CA VAL A 89 -6.57 9.57 -15.03
C VAL A 89 -5.35 8.76 -15.29
N SER A 90 -5.42 7.87 -16.25
CA SER A 90 -4.27 7.11 -16.63
C SER A 90 -3.44 7.83 -17.69
N ASP A 91 -3.95 8.95 -18.20
CA ASP A 91 -3.25 9.72 -19.22
C ASP A 91 -2.86 11.07 -18.61
N ALA A 92 -1.55 11.26 -18.34
CA ALA A 92 -1.09 12.51 -17.71
C ALA A 92 -1.51 13.77 -18.47
N GLU A 93 -1.54 13.70 -19.79
CA GLU A 93 -1.92 14.89 -20.59
C GLU A 93 -3.40 15.21 -20.37
N SER A 94 -4.20 14.19 -20.16
CA SER A 94 -5.64 14.36 -19.97
C SER A 94 -5.81 15.05 -18.65
N VAL A 95 -5.09 14.58 -17.63
CA VAL A 95 -5.16 15.20 -16.33
C VAL A 95 -4.68 16.66 -16.38
N ASP A 96 -3.53 16.89 -17.04
CA ASP A 96 -2.99 18.25 -17.16
C ASP A 96 -3.98 19.17 -17.86
N ASN A 97 -4.56 18.71 -18.95
CA ASN A 97 -5.55 19.51 -19.65
C ASN A 97 -6.72 19.87 -18.75
N MET A 98 -7.16 18.92 -17.94
CA MET A 98 -8.32 19.17 -17.11
C MET A 98 -8.01 20.27 -16.11
N PHE A 99 -6.86 20.21 -15.49
CA PHE A 99 -6.47 21.26 -14.56
C PHE A 99 -6.26 22.59 -15.24
N LYS A 100 -5.79 22.55 -16.48
CA LYS A 100 -5.66 23.80 -17.26
C LYS A 100 -7.03 24.43 -17.41
N VAL A 101 -8.03 23.63 -17.75
CA VAL A 101 -9.41 24.13 -17.91
C VAL A 101 -9.90 24.72 -16.57
N LEU A 102 -9.64 24.06 -15.47
CA LEU A 102 -10.10 24.60 -14.20
C LEU A 102 -9.38 25.90 -13.89
N ALA A 103 -8.09 25.97 -14.17
CA ALA A 103 -7.30 27.20 -13.95
C ALA A 103 -7.87 28.34 -14.77
N GLU A 104 -8.19 28.06 -16.03
CA GLU A 104 -8.78 29.07 -16.93
C GLU A 104 -10.17 29.50 -16.52
N GLU A 105 -11.00 28.56 -16.10
CA GLU A 105 -12.35 28.89 -15.75
C GLU A 105 -12.44 29.54 -14.39
N TRP A 106 -11.66 29.07 -13.43
CA TRP A 106 -11.82 29.47 -12.04
C TRP A 106 -10.66 30.23 -11.48
N GLY A 107 -9.46 29.93 -11.92
CA GLY A 107 -8.28 30.60 -11.39
C GLY A 107 -7.74 29.98 -10.14
N SER A 108 -8.58 29.31 -9.38
CA SER A 108 -8.13 28.63 -8.16
C SER A 108 -9.14 27.51 -7.87
N LEU A 109 -8.82 26.71 -6.86
CA LEU A 109 -9.59 25.51 -6.58
C LEU A 109 -9.64 25.33 -5.06
N ASP A 110 -10.79 24.92 -4.53
CA ASP A 110 -10.89 24.69 -3.10
C ASP A 110 -10.89 23.24 -2.69
N PHE A 111 -11.33 22.35 -3.57
CA PHE A 111 -11.34 20.95 -3.26
C PHE A 111 -11.22 20.06 -4.46
N VAL A 112 -10.79 18.84 -4.21
CA VAL A 112 -10.74 17.80 -5.24
C VAL A 112 -11.26 16.55 -4.63
N VAL A 113 -12.10 15.83 -5.36
CA VAL A 113 -12.55 14.52 -4.90
C VAL A 113 -12.12 13.50 -5.97
N HIS A 114 -11.37 12.51 -5.54
CA HIS A 114 -10.82 11.44 -6.35
C HIS A 114 -11.58 10.18 -5.98
N ALA A 115 -12.46 9.74 -6.87
CA ALA A 115 -13.30 8.57 -6.67
C ALA A 115 -13.11 7.63 -7.84
N VAL A 116 -11.91 7.12 -7.99
CA VAL A 116 -11.55 6.37 -9.16
C VAL A 116 -10.76 5.17 -8.74
N ALA A 117 -11.16 4.01 -9.23
CA ALA A 117 -10.38 2.80 -9.01
C ALA A 117 -10.53 1.84 -10.20
N PHE A 118 -9.53 1.02 -10.45
CA PHE A 118 -9.66 0.06 -11.50
C PHE A 118 -8.84 -1.13 -11.13
N SER A 119 -9.38 -2.32 -11.43
CA SER A 119 -8.60 -3.53 -11.32
C SER A 119 -9.21 -4.51 -12.32
N ASP A 120 -8.46 -5.54 -12.72
CA ASP A 120 -9.02 -6.56 -13.64
C ASP A 120 -10.11 -7.40 -12.96
N LYS A 121 -11.33 -7.33 -13.44
CA LYS A 121 -12.41 -8.02 -12.75
C LYS A 121 -12.21 -9.53 -12.71
N ASN A 122 -11.58 -10.10 -13.72
CA ASN A 122 -11.35 -11.54 -13.72
C ASN A 122 -10.38 -12.01 -12.64
N GLU A 123 -9.43 -11.17 -12.25
CA GLU A 123 -8.48 -11.55 -11.21
C GLU A 123 -9.09 -11.44 -9.81
N LEU A 124 -10.12 -10.61 -9.63
CA LEU A 124 -10.80 -10.46 -8.35
C LEU A 124 -11.47 -11.75 -7.83
N LYS A 125 -11.82 -12.64 -8.75
CA LYS A 125 -12.59 -13.86 -8.51
C LYS A 125 -11.67 -14.93 -7.99
N GLY A 126 -10.38 -14.79 -8.26
CA GLY A 126 -9.40 -15.80 -7.87
C GLY A 126 -8.62 -15.44 -6.62
N ARG A 127 -7.40 -15.94 -6.55
CA ARG A 127 -6.56 -15.76 -5.41
C ARG A 127 -5.66 -14.54 -5.62
N TYR A 128 -5.46 -13.73 -4.59
CA TYR A 128 -4.48 -12.64 -4.62
C TYR A 128 -3.07 -13.10 -5.12
N VAL A 129 -2.62 -14.27 -4.64
CA VAL A 129 -1.29 -14.74 -4.94
C VAL A 129 -1.07 -14.97 -6.44
N ASP A 130 -2.16 -15.12 -7.17
CA ASP A 130 -2.08 -15.34 -8.63
C ASP A 130 -2.21 -14.03 -9.41
N THR A 131 -2.20 -12.88 -8.73
CA THR A 131 -2.21 -11.60 -9.40
C THR A 131 -1.12 -11.47 -10.46
N SER A 132 -1.49 -10.93 -11.60
CA SER A 132 -0.52 -10.71 -12.70
C SER A 132 0.19 -9.36 -12.53
N LEU A 133 1.38 -9.24 -13.13
CA LEU A 133 2.11 -8.00 -13.07
C LEU A 133 1.34 -6.86 -13.75
N GLY A 134 0.77 -7.12 -14.93
CA GLY A 134 0.00 -6.09 -15.65
C GLY A 134 -1.16 -5.58 -14.82
N ASN A 135 -1.90 -6.49 -14.20
CA ASN A 135 -3.00 -6.10 -13.34
C ASN A 135 -2.52 -5.31 -12.13
N PHE A 136 -1.46 -5.79 -11.51
CA PHE A 136 -0.90 -5.08 -10.38
C PHE A 136 -0.51 -3.64 -10.76
N LEU A 137 0.26 -3.48 -11.83
CA LEU A 137 0.73 -2.17 -12.20
C LEU A 137 -0.40 -1.24 -12.66
N THR A 138 -1.34 -1.75 -13.45
CA THR A 138 -2.48 -0.94 -13.91
C THR A 138 -3.37 -0.54 -12.74
N SER A 139 -3.64 -1.47 -11.87
CA SER A 139 -4.46 -1.22 -10.69
CA SER A 139 -4.46 -1.19 -10.70
C SER A 139 -3.78 -0.16 -9.80
N MET A 140 -2.49 -0.31 -9.57
CA MET A 140 -1.73 0.64 -8.78
C MET A 140 -1.73 2.01 -9.45
N HIS A 141 -1.59 2.04 -10.77
CA HIS A 141 -1.50 3.32 -11.45
C HIS A 141 -2.79 4.09 -11.25
N ILE A 142 -3.90 3.46 -11.60
CA ILE A 142 -5.18 4.12 -11.63
C ILE A 142 -5.74 4.35 -10.22
N SER A 143 -5.60 3.33 -9.37
CA SER A 143 -6.25 3.35 -8.07
C SER A 143 -5.42 4.09 -7.02
N CYS A 144 -4.10 4.14 -7.20
CA CYS A 144 -3.26 4.81 -6.22
C CYS A 144 -2.46 5.99 -6.81
N TYR A 145 -1.60 5.73 -7.79
CA TYR A 145 -0.70 6.79 -8.26
C TYR A 145 -1.49 7.98 -8.77
N SER A 146 -2.61 7.75 -9.45
CA SER A 146 -3.35 8.88 -10.03
C SER A 146 -3.69 9.93 -8.98
N PHE A 147 -3.96 9.52 -7.75
CA PHE A 147 -4.28 10.49 -6.71
C PHE A 147 -3.10 11.43 -6.42
N THR A 148 -1.90 10.85 -6.36
CA THR A 148 -0.68 11.60 -6.13
C THR A 148 -0.43 12.62 -7.24
N TYR A 149 -0.58 12.17 -8.47
CA TYR A 149 -0.38 13.04 -9.63
C TYR A 149 -1.40 14.15 -9.60
N ILE A 150 -2.66 13.79 -9.33
CA ILE A 150 -3.74 14.77 -9.24
C ILE A 150 -3.48 15.78 -8.14
N ALA A 151 -3.00 15.30 -7.01
CA ALA A 151 -2.66 16.18 -5.90
C ALA A 151 -1.58 17.15 -6.35
N SER A 152 -0.56 16.66 -7.07
CA SER A 152 0.53 17.57 -7.52
C SER A 152 0.01 18.67 -8.46
N LYS A 153 -0.96 18.34 -9.28
CA LYS A 153 -1.55 19.33 -10.19
C LYS A 153 -2.50 20.31 -9.53
N ALA A 154 -3.20 19.83 -8.52
CA ALA A 154 -4.09 20.68 -7.76
C ALA A 154 -3.32 21.72 -6.91
N GLU A 155 -2.20 21.30 -6.36
CA GLU A 155 -1.46 22.12 -5.42
C GLU A 155 -1.30 23.62 -5.82
N PRO A 156 -0.83 23.92 -7.04
CA PRO A 156 -0.60 25.33 -7.35
C PRO A 156 -1.90 26.17 -7.52
N LEU A 157 -3.03 25.51 -7.66
CA LEU A 157 -4.30 26.19 -7.78
C LEU A 157 -4.96 26.41 -6.43
N MET A 158 -4.41 25.78 -5.41
CA MET A 158 -5.07 25.77 -4.12
C MET A 158 -4.33 26.76 -3.26
N THR A 159 -4.65 28.03 -3.53
CA THR A 159 -3.87 29.12 -2.99
C THR A 159 -4.50 29.65 -1.71
N ASN A 160 -5.77 29.34 -1.44
CA ASN A 160 -6.34 29.72 -0.17
C ASN A 160 -6.58 28.45 0.69
N GLY A 161 -5.56 27.58 0.77
CA GLY A 161 -5.75 26.24 1.34
C GLY A 161 -6.74 25.42 0.53
N GLY A 162 -7.24 24.36 1.14
CA GLY A 162 -8.23 23.52 0.50
C GLY A 162 -8.26 22.12 1.06
N SER A 163 -8.92 21.23 0.33
CA SER A 163 -9.14 19.87 0.81
C SER A 163 -9.19 18.93 -0.34
N ILE A 164 -8.39 17.86 -0.25
CA ILE A 164 -8.30 16.85 -1.29
C ILE A 164 -8.67 15.54 -0.64
N LEU A 165 -9.62 14.87 -1.26
CA LEU A 165 -10.24 13.74 -0.65
C LEU A 165 -10.19 12.55 -1.61
N THR A 166 -9.87 11.36 -1.09
CA THR A 166 -10.04 10.14 -1.87
C THR A 166 -10.89 9.13 -1.13
N LEU A 167 -11.13 8.00 -1.77
CA LEU A 167 -12.00 6.97 -1.21
C LEU A 167 -11.20 5.71 -1.00
N SER A 168 -11.49 5.05 0.10
CA SER A 168 -10.85 3.78 0.39
C SER A 168 -11.88 2.81 0.97
N TYR A 169 -11.39 1.68 1.49
CA TYR A 169 -12.28 0.60 1.91
C TYR A 169 -11.51 -0.33 2.84
N TYR A 170 -12.24 -0.98 3.74
CA TYR A 170 -11.63 -1.80 4.80
C TYR A 170 -10.69 -2.91 4.30
N GLY A 171 -10.86 -3.34 3.04
CA GLY A 171 -9.89 -4.20 2.38
C GLY A 171 -8.45 -3.73 2.39
N ALA A 172 -8.22 -2.42 2.63
CA ALA A 172 -6.88 -1.89 2.83
C ALA A 172 -6.26 -2.35 4.14
N GLU A 173 -7.10 -2.63 5.14
CA GLU A 173 -6.66 -2.92 6.48
C GLU A 173 -6.71 -4.41 6.80
N LYS A 174 -7.72 -5.09 6.27
CA LYS A 174 -8.00 -6.47 6.58
C LYS A 174 -8.41 -7.18 5.32
N VAL A 175 -8.22 -8.48 5.30
CA VAL A 175 -8.58 -9.29 4.12
C VAL A 175 -10.08 -9.46 4.06
N VAL A 176 -10.65 -9.06 2.93
CA VAL A 176 -12.08 -9.27 2.69
C VAL A 176 -12.22 -9.91 1.28
N PRO A 177 -13.34 -10.59 1.01
CA PRO A 177 -13.52 -11.31 -0.25
C PRO A 177 -13.54 -10.42 -1.51
N HIS A 178 -13.08 -11.00 -2.58
CA HIS A 178 -13.29 -10.47 -3.91
C HIS A 178 -12.62 -9.10 -4.10
N TYR A 179 -11.45 -8.91 -3.48
CA TYR A 179 -10.80 -7.62 -3.45
C TYR A 179 -9.34 -7.72 -3.88
N ASN A 180 -8.64 -8.72 -3.36
CA ASN A 180 -7.30 -9.10 -3.82
C ASN A 180 -6.39 -7.88 -3.98
N VAL A 181 -5.93 -7.60 -5.21
CA VAL A 181 -4.93 -6.58 -5.39
C VAL A 181 -5.47 -5.20 -5.03
N MET A 182 -6.80 -5.02 -5.08
CA MET A 182 -7.32 -3.69 -4.67
C MET A 182 -7.06 -3.42 -3.19
N GLY A 183 -6.97 -4.47 -2.37
CA GLY A 183 -6.65 -4.28 -0.95
C GLY A 183 -5.26 -3.67 -0.82
N VAL A 184 -4.36 -4.19 -1.66
CA VAL A 184 -2.98 -3.73 -1.69
C VAL A 184 -2.92 -2.29 -2.23
N CYS A 185 -3.68 -2.00 -3.29
CA CYS A 185 -3.73 -0.64 -3.83
C CYS A 185 -4.30 0.36 -2.83
N LYS A 186 -5.36 -0.03 -2.12
CA LYS A 186 -5.95 0.86 -1.14
C LYS A 186 -5.07 1.06 0.07
N ALA A 187 -4.29 0.06 0.48
CA ALA A 187 -3.31 0.27 1.56
C ALA A 187 -2.29 1.30 1.10
N ALA A 188 -1.84 1.18 -0.15
CA ALA A 188 -0.91 2.14 -0.72
C ALA A 188 -1.52 3.56 -0.76
N LEU A 189 -2.76 3.63 -1.16
CA LEU A 189 -3.47 4.90 -1.23
C LEU A 189 -3.49 5.51 0.14
N GLU A 190 -3.86 4.74 1.14
CA GLU A 190 -4.06 5.29 2.49
C GLU A 190 -2.71 5.78 3.03
N ALA A 191 -1.63 5.04 2.69
CA ALA A 191 -0.31 5.50 3.03
C ALA A 191 0.02 6.81 2.28
N SER A 192 -0.34 6.89 0.99
CA SER A 192 0.00 8.06 0.19
C SER A 192 -0.68 9.32 0.77
N VAL A 193 -1.87 9.12 1.35
CA VAL A 193 -2.62 10.22 1.94
C VAL A 193 -1.80 10.89 3.05
N LYS A 194 -1.09 10.06 3.80
CA LYS A 194 -0.27 10.56 4.90
C LYS A 194 0.91 11.41 4.37
N TYR A 195 1.64 10.87 3.41
CA TYR A 195 2.75 11.55 2.80
C TYR A 195 2.30 12.85 2.09
N LEU A 196 1.22 12.77 1.32
CA LEU A 196 0.68 13.97 0.70
C LEU A 196 0.25 15.04 1.70
N ALA A 197 -0.38 14.61 2.79
CA ALA A 197 -0.80 15.56 3.79
C ALA A 197 0.41 16.37 4.28
N VAL A 198 1.53 15.70 4.47
CA VAL A 198 2.74 16.42 4.91
C VAL A 198 3.16 17.40 3.81
N ASP A 199 3.17 16.95 2.56
CA ASP A 199 3.66 17.84 1.50
C ASP A 199 2.77 19.05 1.33
N LEU A 200 1.49 18.84 1.34
CA LEU A 200 0.54 19.91 1.05
C LEU A 200 0.08 20.72 2.27
N GLY A 201 0.37 20.23 3.49
CA GLY A 201 -0.13 20.85 4.68
C GLY A 201 0.41 22.25 5.04
N LYS A 202 1.61 22.56 4.62
CA LYS A 202 2.17 23.89 4.90
C LYS A 202 1.25 24.97 4.29
N GLN A 203 0.77 24.69 3.06
CA GLN A 203 -0.23 25.55 2.40
C GLN A 203 -1.65 25.37 2.89
N GLN A 204 -1.84 24.70 4.02
CA GLN A 204 -3.13 24.43 4.60
C GLN A 204 -4.02 23.67 3.67
N ILE A 205 -3.45 22.82 2.84
CA ILE A 205 -4.24 21.85 2.09
C ILE A 205 -4.28 20.54 2.87
N ARG A 206 -5.49 20.13 3.21
CA ARG A 206 -5.70 18.86 3.87
C ARG A 206 -5.84 17.78 2.80
N VAL A 207 -5.42 16.58 3.17
CA VAL A 207 -5.55 15.38 2.30
C VAL A 207 -6.06 14.28 3.18
N ASN A 208 -7.19 13.68 2.81
CA ASN A 208 -7.81 12.68 3.63
C ASN A 208 -8.49 11.62 2.73
N ALA A 209 -8.89 10.54 3.37
CA ALA A 209 -9.68 9.48 2.76
C ALA A 209 -10.90 9.16 3.59
N ILE A 210 -11.96 8.77 2.89
CA ILE A 210 -13.11 8.10 3.51
C ILE A 210 -13.03 6.60 3.17
N SER A 211 -13.04 5.78 4.21
CA SER A 211 -13.11 4.34 4.09
C SER A 211 -14.61 3.97 4.23
N ALA A 212 -15.23 3.79 3.07
CA ALA A 212 -16.68 3.67 2.94
C ALA A 212 -17.02 2.20 3.08
N GLY A 213 -18.11 1.91 3.78
CA GLY A 213 -18.65 0.58 3.79
C GLY A 213 -19.18 0.27 2.40
N PRO A 214 -19.46 -1.00 2.11
CA PRO A 214 -20.00 -1.31 0.79
C PRO A 214 -21.39 -0.74 0.63
N VAL A 215 -21.66 -0.29 -0.59
CA VAL A 215 -22.96 0.25 -0.93
C VAL A 215 -23.45 -0.50 -2.19
N ARG A 216 -24.72 -0.86 -2.23
CA ARG A 216 -25.27 -1.47 -3.45
C ARG A 216 -25.38 -0.42 -4.55
N THR A 217 -24.65 -0.64 -5.63
CA THR A 217 -24.77 0.20 -6.84
C THR A 217 -25.60 -0.49 -7.96
N LEU A 218 -25.66 -1.82 -7.92
CA LEU A 218 -26.29 -2.64 -8.97
C LEU A 218 -27.46 -3.45 -8.37
N ALA A 219 -28.58 -3.50 -9.10
CA ALA A 219 -29.74 -4.31 -8.65
C ALA A 219 -29.36 -5.80 -8.62
N SER A 220 -28.54 -6.22 -9.57
CA SER A 220 -27.88 -7.54 -9.51
C SER A 220 -26.53 -7.43 -10.18
N SER A 221 -25.47 -7.54 -9.38
CA SER A 221 -24.11 -7.57 -9.89
C SER A 221 -23.83 -8.95 -10.51
N GLY A 222 -24.61 -9.93 -10.13
CA GLY A 222 -24.35 -11.32 -10.53
C GLY A 222 -23.09 -11.89 -9.88
N ILE A 223 -22.66 -11.31 -8.76
CA ILE A 223 -21.43 -11.75 -8.07
C ILE A 223 -21.82 -12.19 -6.65
N SER A 224 -21.76 -13.47 -6.36
CA SER A 224 -22.21 -13.93 -5.04
C SER A 224 -21.40 -13.27 -3.91
N ASP A 225 -20.08 -13.10 -4.09
CA ASP A 225 -19.28 -12.45 -3.07
C ASP A 225 -19.78 -11.06 -2.76
N PHE A 226 -20.31 -10.33 -3.74
CA PHE A 226 -20.80 -8.99 -3.49
C PHE A 226 -22.08 -9.05 -2.70
N HIS A 227 -22.99 -9.98 -3.00
CA HIS A 227 -24.17 -10.12 -2.17
C HIS A 227 -23.76 -10.45 -0.73
N TYR A 228 -22.79 -11.34 -0.60
CA TYR A 228 -22.25 -11.72 0.69
C TYR A 228 -21.65 -10.56 1.49
N ILE A 229 -20.83 -9.75 0.82
CA ILE A 229 -20.20 -8.61 1.45
C ILE A 229 -21.28 -7.63 1.98
N LEU A 230 -22.26 -7.37 1.14
CA LEU A 230 -23.31 -6.42 1.47
C LEU A 230 -24.11 -6.89 2.65
N THR A 231 -24.48 -8.17 2.64
CA THR A 231 -25.35 -8.70 3.68
C THR A 231 -24.56 -8.86 4.97
N TRP A 232 -23.32 -9.31 4.88
CA TRP A 232 -22.50 -9.44 6.08
C TRP A 232 -22.35 -8.07 6.75
N ASN A 233 -22.06 -7.03 5.96
CA ASN A 233 -21.94 -5.69 6.52
C ASN A 233 -23.26 -5.22 7.14
N LYS A 234 -24.38 -5.50 6.48
CA LYS A 234 -25.68 -5.08 6.94
C LYS A 234 -26.02 -5.68 8.28
N TYR A 235 -25.86 -7.00 8.39
CA TYR A 235 -26.27 -7.68 9.62
C TYR A 235 -25.24 -7.62 10.73
N ASN A 236 -23.98 -7.37 10.43
CA ASN A 236 -22.96 -7.39 11.46
C ASN A 236 -22.39 -6.05 11.83
N SER A 237 -22.73 -5.01 11.09
CA SER A 237 -22.28 -3.69 11.50
C SER A 237 -23.03 -3.22 12.76
N PRO A 238 -22.35 -2.43 13.63
CA PRO A 238 -23.05 -1.86 14.77
C PRO A 238 -24.42 -1.22 14.48
N LEU A 239 -24.52 -0.46 13.41
CA LEU A 239 -25.81 0.16 13.08
C LEU A 239 -26.83 -0.77 12.39
N ARG A 240 -26.42 -1.98 12.06
CA ARG A 240 -27.32 -3.00 11.51
C ARG A 240 -28.01 -2.51 10.23
N ARG A 241 -27.25 -1.83 9.37
CA ARG A 241 -27.69 -1.43 8.05
C ARG A 241 -26.46 -1.23 7.20
N ASN A 242 -26.66 -1.10 5.89
CA ASN A 242 -25.59 -0.74 5.02
C ASN A 242 -25.33 0.77 4.99
N THR A 243 -24.09 1.10 4.68
CA THR A 243 -23.70 2.45 4.36
C THR A 243 -24.54 2.96 3.20
N THR A 244 -24.93 4.22 3.26
CA THR A 244 -25.69 4.85 2.18
C THR A 244 -24.83 5.95 1.50
N LEU A 245 -25.26 6.38 0.33
CA LEU A 245 -24.62 7.53 -0.33
C LEU A 245 -24.67 8.75 0.52
N ASP A 246 -25.80 8.98 1.18
CA ASP A 246 -25.88 10.12 2.07
C ASP A 246 -24.88 10.06 3.25
N ASP A 247 -24.58 8.87 3.74
CA ASP A 247 -23.61 8.73 4.83
C ASP A 247 -22.29 9.27 4.34
N VAL A 248 -21.91 8.84 3.13
CA VAL A 248 -20.63 9.21 2.56
C VAL A 248 -20.62 10.68 2.20
N GLY A 249 -21.71 11.17 1.64
CA GLY A 249 -21.89 12.62 1.46
C GLY A 249 -21.66 13.47 2.69
N GLY A 250 -22.22 13.01 3.81
CA GLY A 250 -22.07 13.75 5.08
C GLY A 250 -20.63 13.82 5.53
N ALA A 251 -19.92 12.70 5.45
CA ALA A 251 -18.49 12.66 5.78
C ALA A 251 -17.65 13.52 4.83
N ALA A 252 -18.01 13.52 3.56
CA ALA A 252 -17.33 14.37 2.57
C ALA A 252 -17.57 15.84 2.88
N LEU A 253 -18.79 16.18 3.27
CA LEU A 253 -19.09 17.54 3.72
C LEU A 253 -18.21 17.99 4.90
N TYR A 254 -18.04 17.14 5.92
CA TYR A 254 -17.13 17.38 7.01
C TYR A 254 -15.74 17.69 6.46
N LEU A 255 -15.20 16.76 5.67
CA LEU A 255 -13.80 16.86 5.34
C LEU A 255 -13.50 17.96 4.31
N LEU A 256 -14.47 18.28 3.47
CA LEU A 256 -14.29 19.24 2.39
C LEU A 256 -14.69 20.69 2.75
N SER A 257 -15.47 20.88 3.79
CA SER A 257 -15.89 22.21 4.25
C SER A 257 -14.94 22.68 5.35
N ASP A 258 -15.25 23.85 5.89
CA ASP A 258 -14.45 24.40 6.94
C ASP A 258 -14.54 23.59 8.23
N LEU A 259 -15.55 22.73 8.35
CA LEU A 259 -15.71 21.91 9.55
C LEU A 259 -14.47 21.01 9.74
N GLY A 260 -13.92 20.59 8.62
CA GLY A 260 -12.78 19.67 8.63
C GLY A 260 -11.38 20.24 8.60
N ARG A 261 -11.22 21.53 8.86
CA ARG A 261 -9.95 22.21 8.79
C ARG A 261 -8.83 21.60 9.63
N GLY A 262 -9.17 20.98 10.76
CA GLY A 262 -8.15 20.46 11.65
C GLY A 262 -7.81 19.00 11.48
N THR A 263 -8.35 18.37 10.44
CA THR A 263 -8.08 16.96 10.16
C THR A 263 -7.37 16.77 8.82
N THR A 264 -6.22 16.11 8.85
CA THR A 264 -5.49 15.78 7.63
C THR A 264 -4.69 14.49 7.86
N GLY A 265 -4.39 13.80 6.76
CA GLY A 265 -3.75 12.52 6.82
C GLY A 265 -4.62 11.38 7.29
N GLU A 266 -5.91 11.61 7.47
CA GLU A 266 -6.81 10.67 8.13
C GLU A 266 -7.59 9.86 7.08
N THR A 267 -7.89 8.64 7.47
CA THR A 267 -8.86 7.80 6.81
C THR A 267 -10.03 7.61 7.81
N VAL A 268 -11.16 8.22 7.49
CA VAL A 268 -12.31 8.15 8.36
C VAL A 268 -13.23 7.05 7.86
N HIS A 269 -13.63 6.19 8.76
CA HIS A 269 -14.53 5.07 8.44
C HIS A 269 -15.94 5.57 8.42
N VAL A 270 -16.59 5.34 7.30
CA VAL A 270 -18.00 5.68 7.06
C VAL A 270 -18.62 4.37 6.58
N ASP A 271 -18.86 3.51 7.55
CA ASP A 271 -19.15 2.08 7.31
C ASP A 271 -20.14 1.49 8.28
N CYS A 272 -20.91 2.36 8.94
CA CYS A 272 -21.86 1.95 9.98
C CYS A 272 -21.20 1.21 11.14
N GLY A 273 -19.89 1.38 11.31
CA GLY A 273 -19.23 0.78 12.44
C GLY A 273 -18.55 -0.53 12.14
N TYR A 274 -18.64 -1.01 10.90
CA TYR A 274 -18.18 -2.38 10.58
C TYR A 274 -16.74 -2.62 10.98
N HIS A 275 -15.91 -1.59 10.84
CA HIS A 275 -14.48 -1.70 11.14
C HIS A 275 -14.21 -2.11 12.59
N VAL A 276 -15.15 -1.96 13.53
CA VAL A 276 -14.89 -2.38 14.91
C VAL A 276 -15.21 -3.85 15.16
N VAL A 277 -15.81 -4.53 14.20
CA VAL A 277 -16.32 -5.87 14.48
C VAL A 277 -15.20 -6.91 14.41
N GLY A 278 -14.96 -7.66 15.48
CA GLY A 278 -13.92 -8.67 15.45
C GLY A 278 -14.39 -10.05 15.12
N MET A 279 -15.70 -10.26 15.11
CA MET A 279 -16.23 -11.59 14.79
C MET A 279 -17.64 -11.53 14.12
N LYS A 280 -18.66 -11.11 14.85
CA LYS A 280 -20.06 -11.24 14.37
C LYS A 280 -20.98 -10.56 15.37
N SER A 281 -22.08 -9.97 14.92
CA SER A 281 -23.13 -9.47 15.81
C SER A 281 -23.79 -10.67 16.51
N VAL A 282 -24.13 -10.54 17.79
CA VAL A 282 -24.83 -11.63 18.55
C VAL A 282 -26.07 -11.14 19.28
N ARG B 23 28.57 -22.65 13.56
CA ARG B 23 27.17 -23.05 13.94
C ARG B 23 26.90 -23.05 15.45
N THR B 24 25.93 -22.24 15.89
CA THR B 24 25.53 -22.06 17.31
C THR B 24 24.29 -22.83 17.81
N GLY B 25 23.50 -23.43 16.94
CA GLY B 25 22.30 -24.15 17.40
C GLY B 25 21.65 -24.97 16.31
N MET B 26 20.52 -25.59 16.59
CA MET B 26 19.85 -26.46 15.65
C MET B 26 18.39 -26.06 15.38
N LEU B 27 18.02 -24.84 15.72
CA LEU B 27 16.66 -24.36 15.44
C LEU B 27 16.17 -24.53 14.03
N MET B 28 17.06 -24.41 13.05
CA MET B 28 16.67 -24.52 11.65
C MET B 28 17.14 -25.85 11.00
N GLU B 29 17.50 -26.83 11.82
CA GLU B 29 18.06 -28.09 11.31
C GLU B 29 17.08 -28.75 10.37
N GLY B 30 17.58 -29.08 9.19
CA GLY B 30 16.78 -29.80 8.22
C GLY B 30 15.85 -28.89 7.45
N LYS B 31 15.95 -27.58 7.62
CA LYS B 31 15.11 -26.65 6.88
C LYS B 31 15.89 -26.12 5.71
N LYS B 32 15.32 -26.17 4.53
CA LYS B 32 15.93 -25.64 3.32
C LYS B 32 15.26 -24.35 2.89
N GLY B 33 16.03 -23.32 2.56
CA GLY B 33 15.36 -22.12 2.06
C GLY B 33 16.26 -21.23 1.26
N VAL B 34 15.65 -20.29 0.54
CA VAL B 34 16.38 -19.36 -0.35
C VAL B 34 16.24 -17.97 0.25
N ILE B 35 17.37 -17.27 0.31
CA ILE B 35 17.43 -15.92 0.80
C ILE B 35 17.78 -15.03 -0.38
N ILE B 36 16.89 -14.10 -0.68
CA ILE B 36 17.00 -13.16 -1.79
C ILE B 36 17.34 -11.77 -1.25
N GLY B 37 18.46 -11.22 -1.71
CA GLY B 37 18.87 -9.87 -1.33
C GLY B 37 20.21 -9.67 -0.65
N VAL B 38 21.03 -10.71 -0.58
CA VAL B 38 22.35 -10.64 0.05
C VAL B 38 23.32 -10.01 -0.94
N ALA B 39 23.55 -8.72 -0.76
CA ALA B 39 24.42 -7.90 -1.63
C ALA B 39 25.82 -7.70 -1.01
N ASN B 40 25.88 -7.64 0.32
CA ASN B 40 27.13 -7.45 1.03
C ASN B 40 26.90 -7.91 2.46
N ASP B 41 27.92 -7.77 3.31
CA ASP B 41 27.79 -8.21 4.69
C ASP B 41 27.19 -7.17 5.63
N LYS B 42 26.59 -6.13 5.08
CA LYS B 42 25.86 -5.14 5.86
C LYS B 42 24.31 -5.32 5.68
N SER B 43 23.91 -6.21 4.79
CA SER B 43 22.52 -6.34 4.31
C SER B 43 21.66 -6.94 5.43
N LEU B 44 20.38 -6.57 5.52
CA LEU B 44 19.44 -7.29 6.39
C LEU B 44 19.40 -8.77 6.00
N ALA B 45 19.45 -9.02 4.69
CA ALA B 45 19.45 -10.36 4.13
C ALA B 45 20.63 -11.16 4.68
N TRP B 46 21.77 -10.49 4.83
CA TRP B 46 22.99 -11.12 5.36
C TRP B 46 22.79 -11.46 6.79
N GLY B 47 22.26 -10.55 7.59
CA GLY B 47 22.03 -10.84 9.00
C GLY B 47 21.11 -12.04 9.21
N ILE B 48 20.12 -12.15 8.34
CA ILE B 48 19.15 -13.28 8.44
C ILE B 48 19.83 -14.59 8.01
N ALA B 49 20.62 -14.51 6.95
CA ALA B 49 21.34 -15.66 6.42
C ALA B 49 22.27 -16.22 7.45
N LYS B 50 23.07 -15.33 8.06
CA LYS B 50 23.99 -15.73 9.13
C LYS B 50 23.26 -16.37 10.26
N ALA B 51 22.10 -15.81 10.67
CA ALA B 51 21.39 -16.35 11.79
C ALA B 51 20.81 -17.75 11.48
N VAL B 52 20.21 -17.94 10.29
CA VAL B 52 19.56 -19.23 9.97
C VAL B 52 20.68 -20.28 9.66
N CYS B 53 21.75 -19.86 9.01
CA CYS B 53 22.90 -20.77 8.82
C CYS B 53 23.53 -21.21 10.13
N ALA B 54 23.69 -20.27 11.05
CA ALA B 54 24.21 -20.64 12.38
C ALA B 54 23.30 -21.63 13.12
N GLN B 55 22.04 -21.70 12.73
CA GLN B 55 21.10 -22.60 13.37
C GLN B 55 20.80 -23.87 12.57
N GLY B 56 21.63 -24.14 11.55
CA GLY B 56 21.55 -25.41 10.82
C GLY B 56 20.76 -25.43 9.54
N ALA B 57 20.27 -24.27 9.08
CA ALA B 57 19.53 -24.19 7.80
C ALA B 57 20.43 -24.50 6.62
N GLU B 58 19.84 -25.14 5.64
CA GLU B 58 20.46 -25.28 4.34
C GLU B 58 19.92 -24.14 3.49
N VAL B 59 20.80 -23.24 3.06
CA VAL B 59 20.43 -22.01 2.37
C VAL B 59 20.93 -21.96 0.94
N ALA B 60 20.10 -21.44 0.05
CA ALA B 60 20.52 -21.01 -1.28
C ALA B 60 20.47 -19.49 -1.27
N LEU B 61 21.50 -18.86 -1.81
CA LEU B 61 21.57 -17.39 -1.97
C LEU B 61 21.41 -17.06 -3.42
N THR B 62 20.60 -16.06 -3.70
CA THR B 62 20.49 -15.59 -5.04
C THR B 62 21.49 -14.48 -5.24
N TYR B 63 21.87 -14.28 -6.50
CA TYR B 63 22.66 -13.14 -6.95
C TYR B 63 22.04 -12.63 -8.27
N LEU B 64 22.25 -11.38 -8.54
CA LEU B 64 21.47 -10.75 -9.58
C LEU B 64 21.71 -11.37 -10.97
N SER B 65 22.98 -11.56 -11.32
CA SER B 65 23.40 -12.09 -12.62
C SER B 65 24.87 -12.48 -12.49
N GLU B 66 25.40 -13.14 -13.51
CA GLU B 66 26.81 -13.64 -13.50
C GLU B 66 27.82 -12.55 -13.25
N THR B 67 27.53 -11.38 -13.79
CA THR B 67 28.36 -10.21 -13.61
C THR B 67 28.64 -9.90 -12.14
N PHE B 68 27.68 -10.19 -11.26
CA PHE B 68 27.79 -9.88 -9.83
C PHE B 68 27.97 -11.12 -8.96
N LYS B 69 28.24 -12.25 -9.60
CA LYS B 69 28.38 -13.52 -8.85
C LYS B 69 29.59 -13.50 -7.94
N LYS B 70 30.68 -12.86 -8.41
CA LYS B 70 31.93 -12.75 -7.64
C LYS B 70 31.68 -12.05 -6.32
N ARG B 71 30.69 -11.14 -6.25
CA ARG B 71 30.36 -10.44 -5.01
C ARG B 71 29.62 -11.31 -3.97
N VAL B 72 28.73 -12.21 -4.42
CA VAL B 72 28.06 -13.12 -3.46
C VAL B 72 28.95 -14.32 -3.04
N ASP B 73 29.85 -14.78 -3.92
CA ASP B 73 30.71 -15.96 -3.66
C ASP B 73 31.35 -16.05 -2.27
N PRO B 74 32.11 -15.04 -1.85
CA PRO B 74 32.75 -15.11 -0.53
C PRO B 74 31.78 -15.03 0.65
N LEU B 75 30.63 -14.38 0.46
CA LEU B 75 29.59 -14.37 1.47
C LEU B 75 29.00 -15.77 1.62
N ALA B 76 28.70 -16.41 0.48
CA ALA B 76 28.19 -17.79 0.44
C ALA B 76 29.18 -18.72 1.15
N GLU B 77 30.45 -18.58 0.75
CA GLU B 77 31.53 -19.42 1.26
C GLU B 77 31.65 -19.26 2.79
N SER B 78 31.61 -18.04 3.31
CA SER B 78 31.75 -17.87 4.76
C SER B 78 30.55 -18.42 5.53
N LEU B 79 29.40 -18.46 4.87
CA LEU B 79 28.19 -19.03 5.47
C LEU B 79 28.16 -20.55 5.34
N GLY B 80 28.96 -21.11 4.45
CA GLY B 80 28.88 -22.55 4.16
C GLY B 80 27.80 -22.88 3.15
N VAL B 81 27.28 -21.85 2.47
CA VAL B 81 26.27 -22.05 1.45
C VAL B 81 26.91 -22.70 0.23
N LYS B 82 26.30 -23.74 -0.33
CA LYS B 82 26.87 -24.44 -1.46
C LYS B 82 26.01 -24.25 -2.73
N LEU B 83 24.87 -23.59 -2.61
CA LEU B 83 24.00 -23.37 -3.77
C LEU B 83 23.74 -21.86 -3.92
N THR B 84 24.17 -21.30 -5.02
CA THR B 84 23.82 -19.93 -5.34
C THR B 84 23.23 -19.95 -6.74
N VAL B 85 22.26 -19.05 -6.96
CA VAL B 85 21.42 -19.17 -8.12
C VAL B 85 21.12 -17.74 -8.61
N PRO B 86 21.23 -17.50 -9.94
CA PRO B 86 20.94 -16.17 -10.44
C PRO B 86 19.47 -15.86 -10.32
N CYS B 87 19.18 -14.61 -9.99
CA CYS B 87 17.78 -14.19 -9.90
C CYS B 87 17.64 -12.68 -9.94
N ASP B 88 16.92 -12.21 -10.93
CA ASP B 88 16.53 -10.80 -11.00
C ASP B 88 15.04 -10.82 -10.68
N VAL B 89 14.69 -10.29 -9.50
CA VAL B 89 13.30 -10.35 -9.01
C VAL B 89 12.30 -9.53 -9.87
N SER B 90 12.79 -8.64 -10.73
CA SER B 90 11.95 -7.89 -11.66
C SER B 90 11.57 -8.68 -12.92
N ASP B 91 12.13 -9.87 -13.08
CA ASP B 91 11.98 -10.66 -14.32
C ASP B 91 11.33 -12.01 -14.03
N ALA B 92 10.11 -12.20 -14.50
CA ALA B 92 9.32 -13.40 -14.15
C ALA B 92 10.05 -14.68 -14.54
N GLU B 93 10.65 -14.68 -15.73
CA GLU B 93 11.39 -15.86 -16.20
C GLU B 93 12.61 -16.18 -15.33
N SER B 94 13.28 -15.16 -14.84
CA SER B 94 14.41 -15.33 -13.93
C SER B 94 13.95 -15.97 -12.63
N VAL B 95 12.84 -15.47 -12.09
CA VAL B 95 12.31 -16.01 -10.85
C VAL B 95 11.89 -17.48 -11.08
N ASP B 96 11.19 -17.74 -12.18
CA ASP B 96 10.76 -19.12 -12.51
C ASP B 96 11.94 -20.09 -12.57
N ASN B 97 13.01 -19.68 -13.23
CA ASN B 97 14.19 -20.52 -13.39
CA ASN B 97 14.23 -20.49 -13.39
C ASN B 97 14.90 -20.76 -12.05
N MET B 98 14.92 -19.75 -11.19
CA MET B 98 15.47 -19.92 -9.87
C MET B 98 14.70 -20.98 -9.05
N PHE B 99 13.37 -20.93 -9.10
CA PHE B 99 12.58 -21.95 -8.42
C PHE B 99 12.71 -23.33 -9.07
N LYS B 100 12.90 -23.38 -10.38
CA LYS B 100 13.14 -24.65 -11.06
C LYS B 100 14.48 -25.23 -10.58
N VAL B 101 15.51 -24.41 -10.43
CA VAL B 101 16.78 -24.89 -9.89
C VAL B 101 16.57 -25.48 -8.49
N LEU B 102 15.84 -24.77 -7.64
CA LEU B 102 15.67 -25.24 -6.29
C LEU B 102 14.88 -26.56 -6.29
N ALA B 103 13.90 -26.66 -7.15
CA ALA B 103 13.12 -27.89 -7.30
C ALA B 103 14.00 -29.07 -7.69
N GLU B 104 14.84 -28.84 -8.69
CA GLU B 104 15.78 -29.87 -9.13
C GLU B 104 16.80 -30.24 -8.06
N GLU B 105 17.35 -29.26 -7.35
CA GLU B 105 18.37 -29.58 -6.34
C GLU B 105 17.78 -30.17 -5.05
N TRP B 106 16.62 -29.66 -4.61
CA TRP B 106 16.09 -29.99 -3.30
C TRP B 106 14.80 -30.78 -3.29
N GLY B 107 13.96 -30.60 -4.29
CA GLY B 107 12.70 -31.32 -4.33
C GLY B 107 11.59 -30.66 -3.51
N SER B 108 11.93 -29.82 -2.55
CA SER B 108 10.94 -29.12 -1.74
C SER B 108 11.63 -27.94 -1.08
N LEU B 109 10.86 -27.08 -0.44
CA LEU B 109 11.41 -25.85 0.10
C LEU B 109 10.73 -25.56 1.43
N ASP B 110 11.49 -25.09 2.40
CA ASP B 110 10.90 -24.80 3.71
C ASP B 110 10.69 -23.33 3.96
N PHE B 111 11.54 -22.50 3.37
CA PHE B 111 11.43 -21.06 3.63
C PHE B 111 11.93 -20.20 2.52
N VAL B 112 11.44 -18.95 2.50
CA VAL B 112 11.88 -17.95 1.56
C VAL B 112 12.04 -16.67 2.35
N VAL B 113 13.14 -15.97 2.13
CA VAL B 113 13.34 -14.66 2.66
C VAL B 113 13.48 -13.72 1.48
N HIS B 114 12.66 -12.67 1.46
CA HIS B 114 12.64 -11.67 0.42
C HIS B 114 13.10 -10.38 1.07
N ALA B 115 14.28 -9.91 0.73
CA ALA B 115 14.86 -8.75 1.36
C ALA B 115 15.44 -7.87 0.27
N VAL B 116 14.55 -7.29 -0.54
CA VAL B 116 14.95 -6.56 -1.74
C VAL B 116 13.97 -5.36 -1.87
N ALA B 117 14.53 -4.21 -2.20
CA ALA B 117 13.74 -2.98 -2.35
C ALA B 117 14.49 -2.10 -3.37
N PHE B 118 13.72 -1.31 -4.11
CA PHE B 118 14.28 -0.40 -5.06
C PHE B 118 13.39 0.80 -5.15
N SER B 119 14.04 1.96 -5.23
CA SER B 119 13.35 3.20 -5.52
C SER B 119 14.33 4.24 -6.02
N ASP B 120 13.85 5.20 -6.79
CA ASP B 120 14.73 6.23 -7.30
C ASP B 120 15.31 7.11 -6.18
N LYS B 121 16.62 7.13 -6.10
CA LYS B 121 17.32 7.81 -5.01
C LYS B 121 17.12 9.30 -5.04
N ASN B 122 16.98 9.90 -6.22
CA ASN B 122 16.75 11.31 -6.32
C ASN B 122 15.33 11.76 -5.92
N GLU B 123 14.32 10.97 -6.27
CA GLU B 123 12.96 11.29 -5.88
C GLU B 123 12.79 11.14 -4.38
N LEU B 124 13.56 10.22 -3.77
CA LEU B 124 13.58 10.17 -2.30
C LEU B 124 14.02 11.49 -1.69
N LYS B 125 15.00 12.17 -2.31
CA LYS B 125 15.51 13.43 -1.78
C LYS B 125 14.52 14.60 -1.96
N GLY B 126 13.50 14.44 -2.80
CA GLY B 126 12.49 15.46 -3.02
C GLY B 126 11.26 15.20 -2.15
N ARG B 127 10.12 15.66 -2.65
CA ARG B 127 8.81 15.49 -1.99
C ARG B 127 8.08 14.33 -2.59
N TYR B 128 7.35 13.60 -1.76
CA TYR B 128 6.50 12.51 -2.21
C TYR B 128 5.52 12.97 -3.30
N VAL B 129 4.96 14.15 -3.15
CA VAL B 129 3.95 14.61 -4.10
C VAL B 129 4.52 14.77 -5.52
N ASP B 130 5.83 14.82 -5.64
CA ASP B 130 6.48 14.97 -6.95
C ASP B 130 6.89 13.62 -7.54
N THR B 131 6.44 12.52 -6.95
CA THR B 131 6.78 11.21 -7.44
C THR B 131 6.32 11.03 -8.89
N SER B 132 7.20 10.47 -9.72
CA SER B 132 6.87 10.18 -11.13
C SER B 132 6.23 8.81 -11.24
N LEU B 133 5.49 8.61 -12.31
CA LEU B 133 4.87 7.34 -12.57
C LEU B 133 5.88 6.20 -12.70
N GLY B 134 6.95 6.43 -13.44
CA GLY B 134 7.94 5.42 -13.70
C GLY B 134 8.56 4.95 -12.40
N ASN B 135 8.92 5.88 -11.53
CA ASN B 135 9.49 5.51 -10.25
C ASN B 135 8.47 4.78 -9.37
N PHE B 136 7.26 5.29 -9.30
CA PHE B 136 6.16 4.62 -8.55
C PHE B 136 6.03 3.17 -8.99
N LEU B 137 5.89 2.94 -10.30
CA LEU B 137 5.68 1.61 -10.80
C LEU B 137 6.87 0.70 -10.65
N THR B 138 8.06 1.23 -10.96
CA THR B 138 9.28 0.44 -10.78
C THR B 138 9.50 0.07 -9.30
N SER B 139 9.34 1.05 -8.42
CA SER B 139 9.49 0.80 -6.98
C SER B 139 8.47 -0.24 -6.52
N MET B 140 7.22 -0.09 -6.98
CA MET B 140 6.17 -1.00 -6.62
C MET B 140 6.42 -2.42 -7.14
N HIS B 141 6.89 -2.53 -8.38
CA HIS B 141 7.20 -3.83 -8.95
C HIS B 141 8.25 -4.54 -8.13
N ILE B 142 9.40 -3.91 -7.97
CA ILE B 142 10.49 -4.57 -7.28
C ILE B 142 10.24 -4.71 -5.77
N SER B 143 9.72 -3.66 -5.16
CA SER B 143 9.65 -3.66 -3.68
C SER B 143 8.42 -4.37 -3.13
N CYS B 144 7.35 -4.45 -3.92
CA CYS B 144 6.09 -5.04 -3.49
C CYS B 144 5.69 -6.23 -4.36
N TYR B 145 5.45 -6.05 -5.68
CA TYR B 145 4.90 -7.19 -6.48
C TYR B 145 5.81 -8.42 -6.49
N SER B 146 7.12 -8.19 -6.54
CA SER B 146 8.07 -9.30 -6.65
C SER B 146 7.85 -10.32 -5.52
N PHE B 147 7.47 -9.84 -4.34
CA PHE B 147 7.19 -10.74 -3.22
C PHE B 147 5.99 -11.62 -3.49
N THR B 148 4.93 -11.07 -4.05
CA THR B 148 3.76 -11.85 -4.38
C THR B 148 4.08 -12.88 -5.45
N TYR B 149 4.83 -12.47 -6.47
CA TYR B 149 5.16 -13.41 -7.56
C TYR B 149 6.02 -14.55 -7.03
N ILE B 150 7.03 -14.17 -6.27
CA ILE B 150 7.93 -15.13 -5.65
C ILE B 150 7.17 -16.12 -4.78
N ALA B 151 6.28 -15.60 -3.94
CA ALA B 151 5.42 -16.47 -3.14
C ALA B 151 4.60 -17.45 -4.03
N SER B 152 4.08 -16.97 -5.17
CA SER B 152 3.35 -17.82 -6.11
C SER B 152 4.22 -18.94 -6.64
N LYS B 153 5.48 -18.67 -6.90
CA LYS B 153 6.40 -19.72 -7.39
C LYS B 153 6.93 -20.67 -6.31
N ALA B 154 7.10 -20.16 -5.09
CA ALA B 154 7.48 -20.97 -3.94
C ALA B 154 6.40 -21.96 -3.54
N GLU B 155 5.14 -21.58 -3.64
CA GLU B 155 4.05 -22.39 -3.11
C GLU B 155 4.07 -23.87 -3.48
N PRO B 156 4.22 -24.20 -4.78
CA PRO B 156 4.18 -25.62 -5.20
C PRO B 156 5.29 -26.45 -4.60
N LEU B 157 6.39 -25.81 -4.23
CA LEU B 157 7.54 -26.47 -3.64
C LEU B 157 7.37 -26.65 -2.15
N MET B 158 6.42 -25.92 -1.55
CA MET B 158 6.33 -25.93 -0.10
C MET B 158 5.21 -26.88 0.32
N THR B 159 5.59 -28.15 0.27
CA THR B 159 4.67 -29.26 0.40
C THR B 159 4.63 -29.75 1.83
N ASN B 160 5.51 -29.28 2.70
CA ASN B 160 5.36 -29.59 4.12
C ASN B 160 5.19 -28.28 4.92
N GLY B 161 4.28 -27.43 4.46
CA GLY B 161 4.11 -26.08 5.05
C GLY B 161 5.36 -25.25 4.82
N GLY B 162 5.61 -24.29 5.67
CA GLY B 162 6.77 -23.43 5.52
C GLY B 162 6.53 -21.99 5.93
N SER B 163 7.45 -21.14 5.57
CA SER B 163 7.47 -19.78 6.10
C SER B 163 8.12 -18.88 5.09
N ILE B 164 7.40 -17.82 4.75
CA ILE B 164 7.82 -16.85 3.75
C ILE B 164 7.88 -15.51 4.45
N LEU B 165 9.01 -14.84 4.32
CA LEU B 165 9.31 -13.67 5.12
C LEU B 165 9.79 -12.53 4.25
N THR B 166 9.23 -11.33 4.45
CA THR B 166 9.69 -10.08 3.86
C THR B 166 10.03 -9.05 4.90
N LEU B 167 10.65 -7.94 4.45
CA LEU B 167 11.14 -6.88 5.26
C LEU B 167 10.41 -5.59 4.95
N SER B 168 10.03 -4.90 6.02
CA SER B 168 9.41 -3.60 5.89
C SER B 168 10.06 -2.60 6.86
N TYR B 169 9.41 -1.45 7.00
CA TYR B 169 9.96 -0.33 7.77
C TYR B 169 8.80 0.54 8.18
N TYR B 170 8.99 1.28 9.26
CA TYR B 170 7.97 2.10 9.91
C TYR B 170 7.43 3.20 9.01
N GLY B 171 8.21 3.56 7.97
CA GLY B 171 7.71 4.45 6.96
C GLY B 171 6.48 4.00 6.19
N ALA B 172 6.12 2.70 6.32
CA ALA B 172 4.80 2.17 5.85
C ALA B 172 3.63 2.65 6.63
N GLU B 173 3.86 2.94 7.92
CA GLU B 173 2.80 3.30 8.86
C GLU B 173 2.75 4.79 9.13
N LYS B 174 3.90 5.45 9.15
CA LYS B 174 3.98 6.87 9.47
C LYS B 174 4.92 7.48 8.50
N VAL B 175 4.75 8.78 8.26
CA VAL B 175 5.62 9.52 7.35
C VAL B 175 7.03 9.65 7.95
N VAL B 176 7.99 9.13 7.18
CA VAL B 176 9.37 9.30 7.52
C VAL B 176 9.92 10.16 6.39
N PRO B 177 10.51 11.32 6.72
CA PRO B 177 10.98 12.17 5.63
C PRO B 177 12.04 11.50 4.75
N HIS B 178 11.87 11.75 3.45
CA HIS B 178 12.67 11.21 2.39
C HIS B 178 12.58 9.69 2.23
N TYR B 179 11.54 9.08 2.79
CA TYR B 179 11.26 7.70 2.49
C TYR B 179 10.23 7.63 1.34
N ASN B 180 9.42 8.69 1.24
CA ASN B 180 8.49 8.96 0.14
C ASN B 180 7.84 7.72 -0.45
N VAL B 181 8.11 7.40 -1.72
CA VAL B 181 7.36 6.32 -2.34
C VAL B 181 7.64 4.98 -1.74
N MET B 182 8.79 4.78 -1.10
CA MET B 182 9.03 3.50 -0.42
C MET B 182 8.06 3.29 0.76
N GLY B 183 7.63 4.37 1.40
CA GLY B 183 6.59 4.23 2.44
C GLY B 183 5.32 3.63 1.85
N VAL B 184 4.94 4.14 0.69
CA VAL B 184 3.75 3.71 0.01
C VAL B 184 3.90 2.28 -0.47
N CYS B 185 5.09 1.93 -0.96
CA CYS B 185 5.38 0.57 -1.38
C CYS B 185 5.37 -0.41 -0.21
N LYS B 186 5.94 0.02 0.91
CA LYS B 186 5.99 -0.89 2.08
C LYS B 186 4.60 -1.09 2.69
N ALA B 187 3.76 -0.05 2.62
CA ALA B 187 2.38 -0.20 3.10
C ALA B 187 1.68 -1.22 2.21
N ALA B 188 1.92 -1.14 0.91
CA ALA B 188 1.38 -2.13 -0.01
C ALA B 188 1.90 -3.52 0.32
N LEU B 189 3.21 -3.63 0.57
CA LEU B 189 3.82 -4.89 0.97
C LEU B 189 3.22 -5.49 2.22
N GLU B 190 3.04 -4.67 3.26
CA GLU B 190 2.43 -5.20 4.50
C GLU B 190 0.99 -5.67 4.28
N ALA B 191 0.22 -4.99 3.41
CA ALA B 191 -1.10 -5.43 3.07
C ALA B 191 -1.04 -6.75 2.30
N SER B 192 -0.12 -6.86 1.38
CA SER B 192 0.02 -8.06 0.57
C SER B 192 0.32 -9.29 1.46
N VAL B 193 1.03 -9.06 2.55
CA VAL B 193 1.36 -10.09 3.54
C VAL B 193 0.10 -10.69 4.11
N LYS B 194 -0.91 -9.86 4.32
CA LYS B 194 -2.16 -10.33 4.86
C LYS B 194 -2.94 -11.19 3.85
N TYR B 195 -3.03 -10.72 2.61
CA TYR B 195 -3.76 -11.41 1.56
C TYR B 195 -3.05 -12.74 1.22
N LEU B 196 -1.72 -12.68 1.15
CA LEU B 196 -0.92 -13.86 0.91
C LEU B 196 -1.07 -14.88 2.05
N ALA B 197 -1.15 -14.41 3.30
CA ALA B 197 -1.34 -15.30 4.45
C ALA B 197 -2.64 -16.10 4.29
N VAL B 198 -3.70 -15.45 3.86
CA VAL B 198 -4.97 -16.15 3.61
C VAL B 198 -4.84 -17.17 2.51
N ASP B 199 -4.24 -16.79 1.38
CA ASP B 199 -4.00 -17.77 0.28
C ASP B 199 -3.12 -18.94 0.65
N LEU B 200 -1.98 -18.67 1.25
CA LEU B 200 -0.99 -19.71 1.47
C LEU B 200 -1.20 -20.45 2.77
N GLY B 201 -1.99 -19.87 3.66
CA GLY B 201 -2.36 -20.59 4.89
C GLY B 201 -3.07 -21.91 4.68
N LYS B 202 -3.77 -22.05 3.54
CA LYS B 202 -4.46 -23.32 3.25
C LYS B 202 -3.45 -24.44 3.15
N GLN B 203 -2.24 -24.14 2.72
CA GLN B 203 -1.17 -25.11 2.64
C GLN B 203 -0.26 -25.05 3.83
N GLN B 204 -0.70 -24.44 4.91
CA GLN B 204 0.10 -24.29 6.14
C GLN B 204 1.40 -23.48 5.96
N ILE B 205 1.39 -22.55 5.01
CA ILE B 205 2.54 -21.74 4.76
C ILE B 205 2.20 -20.41 5.45
N ARG B 206 3.11 -19.96 6.31
CA ARG B 206 3.00 -18.68 6.95
C ARG B 206 3.65 -17.57 6.09
N VAL B 207 3.11 -16.38 6.19
CA VAL B 207 3.65 -15.25 5.46
C VAL B 207 3.70 -14.08 6.46
N ASN B 208 4.85 -13.46 6.64
CA ASN B 208 5.04 -12.45 7.68
C ASN B 208 6.08 -11.45 7.19
N ALA B 209 6.14 -10.31 7.88
CA ALA B 209 7.14 -9.29 7.63
C ALA B 209 7.84 -8.92 8.93
N ILE B 210 9.10 -8.51 8.82
CA ILE B 210 9.78 -7.83 9.91
C ILE B 210 9.88 -6.39 9.53
N SER B 211 9.37 -5.53 10.40
CA SER B 211 9.55 -4.11 10.20
C SER B 211 10.80 -3.73 11.00
N ALA B 212 11.90 -3.51 10.31
CA ALA B 212 13.20 -3.32 10.93
C ALA B 212 13.48 -1.85 11.15
N GLY B 213 14.11 -1.55 12.27
CA GLY B 213 14.68 -0.25 12.44
C GLY B 213 15.92 -0.12 11.56
N PRO B 214 16.39 1.12 11.36
CA PRO B 214 17.66 1.35 10.64
C PRO B 214 18.81 0.70 11.35
N VAL B 215 19.75 0.15 10.60
CA VAL B 215 20.73 -0.76 11.17
C VAL B 215 22.08 -0.11 11.23
N ARG B 216 22.71 -0.28 12.40
CA ARG B 216 24.06 0.15 12.72
C ARG B 216 25.00 -1.10 12.64
N SER B 224 24.96 11.58 5.96
CA SER B 224 23.81 12.38 5.53
C SER B 224 22.45 11.80 6.01
N ASP B 225 21.52 11.51 5.08
CA ASP B 225 20.12 11.20 5.41
C ASP B 225 20.00 9.96 6.32
N PHE B 226 20.69 8.88 5.92
CA PHE B 226 20.65 7.65 6.68
C PHE B 226 21.22 7.86 8.09
N HIS B 227 22.31 8.60 8.20
CA HIS B 227 22.94 8.87 9.47
C HIS B 227 22.01 9.60 10.46
N TYR B 228 21.29 10.57 9.91
CA TYR B 228 20.33 11.35 10.67
C TYR B 228 19.26 10.40 11.23
N ILE B 229 18.71 9.56 10.35
CA ILE B 229 17.70 8.58 10.74
C ILE B 229 18.21 7.62 11.82
N LEU B 230 19.43 7.09 11.63
CA LEU B 230 20.06 6.20 12.61
C LEU B 230 20.19 6.89 13.93
N THR B 231 20.71 8.12 13.90
CA THR B 231 20.94 8.86 15.13
C THR B 231 19.61 9.13 15.85
N TRP B 232 18.63 9.56 15.08
CA TRP B 232 17.29 9.79 15.60
C TRP B 232 16.71 8.55 16.29
N ASN B 233 16.87 7.39 15.66
CA ASN B 233 16.40 6.16 16.27
C ASN B 233 17.19 5.78 17.52
N LYS B 234 18.47 6.05 17.54
CA LYS B 234 19.25 5.82 18.75
C LYS B 234 18.77 6.65 19.93
N TYR B 235 18.53 7.92 19.71
CA TYR B 235 18.18 8.79 20.80
C TYR B 235 16.75 8.55 21.28
N ASN B 236 15.90 8.10 20.39
CA ASN B 236 14.48 8.09 20.69
C ASN B 236 13.86 6.72 20.86
N SER B 237 14.58 5.64 20.55
CA SER B 237 14.04 4.30 20.76
CA SER B 237 14.02 4.32 20.76
C SER B 237 14.04 3.96 22.26
N PRO B 238 13.02 3.24 22.72
CA PRO B 238 12.97 2.83 24.09
C PRO B 238 14.28 2.20 24.62
N LEU B 239 14.91 1.35 23.81
CA LEU B 239 16.11 0.67 24.27
C LEU B 239 17.35 1.58 24.11
N ARG B 240 17.19 2.77 23.56
CA ARG B 240 18.30 3.75 23.45
C ARG B 240 19.52 3.19 22.70
N ARG B 241 19.24 2.43 21.66
CA ARG B 241 20.26 1.87 20.80
C ARG B 241 19.59 1.61 19.45
N ASN B 242 20.41 1.32 18.46
CA ASN B 242 19.91 1.00 17.14
C ASN B 242 19.75 -0.49 16.99
N THR B 243 18.85 -0.83 16.09
CA THR B 243 18.68 -2.17 15.63
C THR B 243 20.00 -2.69 15.06
N THR B 244 20.26 -3.97 15.27
CA THR B 244 21.42 -4.65 14.70
C THR B 244 21.00 -5.76 13.75
N LEU B 245 21.95 -6.23 12.95
CA LEU B 245 21.70 -7.41 12.12
C LEU B 245 21.33 -8.60 12.97
N ASP B 246 21.93 -8.73 14.13
CA ASP B 246 21.62 -9.84 14.99
C ASP B 246 20.17 -9.78 15.50
N ASP B 247 19.69 -8.57 15.80
CA ASP B 247 18.29 -8.40 16.24
C ASP B 247 17.39 -8.97 15.14
N VAL B 248 17.63 -8.56 13.91
CA VAL B 248 16.79 -8.96 12.79
C VAL B 248 16.92 -10.46 12.55
N GLY B 249 18.12 -11.00 12.61
CA GLY B 249 18.32 -12.45 12.49
C GLY B 249 17.52 -13.23 13.52
N GLY B 250 17.49 -12.70 14.74
CA GLY B 250 16.70 -13.26 15.82
C GLY B 250 15.21 -13.39 15.54
N ALA B 251 14.64 -12.30 15.05
CA ALA B 251 13.25 -12.28 14.70
C ALA B 251 12.96 -13.19 13.51
N ALA B 252 13.87 -13.22 12.57
CA ALA B 252 13.73 -14.13 11.41
C ALA B 252 13.80 -15.57 11.84
N LEU B 253 14.65 -15.87 12.81
CA LEU B 253 14.68 -17.22 13.37
C LEU B 253 13.37 -17.60 14.02
N TYR B 254 12.74 -16.68 14.76
CA TYR B 254 11.38 -16.86 15.28
C TYR B 254 10.46 -17.26 14.14
N LEU B 255 10.36 -16.42 13.13
CA LEU B 255 9.30 -16.57 12.15
C LEU B 255 9.53 -17.72 11.19
N LEU B 256 10.79 -18.04 10.94
CA LEU B 256 11.15 -19.03 9.93
C LEU B 256 11.28 -20.44 10.50
N SER B 257 11.45 -20.53 11.80
CA SER B 257 11.61 -21.83 12.47
C SER B 257 10.27 -22.30 12.97
N ASP B 258 10.26 -23.46 13.62
CA ASP B 258 9.00 -23.98 14.20
C ASP B 258 8.47 -23.10 15.34
N LEU B 259 9.31 -22.25 15.92
CA LEU B 259 8.87 -21.36 16.96
C LEU B 259 7.69 -20.50 16.50
N GLY B 260 7.72 -20.13 15.23
CA GLY B 260 6.73 -19.20 14.71
C GLY B 260 5.58 -19.79 13.94
N ARG B 261 5.34 -21.10 14.08
CA ARG B 261 4.24 -21.80 13.37
C ARG B 261 2.90 -21.15 13.55
N GLY B 262 2.70 -20.53 14.69
CA GLY B 262 1.41 -19.94 15.06
C GLY B 262 1.09 -18.51 14.62
N THR B 263 2.01 -17.88 13.93
CA THR B 263 1.91 -16.49 13.53
C THR B 263 1.97 -16.39 12.02
N THR B 264 0.95 -15.76 11.45
CA THR B 264 0.98 -15.44 10.06
C THR B 264 0.20 -14.15 9.82
N GLY B 265 0.56 -13.51 8.71
CA GLY B 265 0.05 -12.24 8.31
C GLY B 265 0.60 -11.09 9.10
N GLU B 266 1.58 -11.34 9.94
CA GLU B 266 2.05 -10.37 10.92
C GLU B 266 3.23 -9.54 10.38
N THR B 267 3.31 -8.30 10.83
CA THR B 267 4.49 -7.47 10.69
C THR B 267 5.05 -7.24 12.09
N VAL B 268 6.20 -7.82 12.37
CA VAL B 268 6.78 -7.74 13.73
C VAL B 268 7.78 -6.62 13.73
N HIS B 269 7.66 -5.68 14.67
CA HIS B 269 8.62 -4.61 14.79
C HIS B 269 9.87 -5.06 15.53
N VAL B 270 10.99 -4.89 14.85
CA VAL B 270 12.33 -5.17 15.35
C VAL B 270 13.12 -3.87 15.17
N ASP B 271 12.88 -2.97 16.08
CA ASP B 271 13.27 -1.60 15.95
C ASP B 271 13.61 -0.99 17.29
N CYS B 272 13.95 -1.82 18.28
CA CYS B 272 14.28 -1.34 19.63
C CYS B 272 13.16 -0.53 20.29
N GLY B 273 11.94 -0.76 19.83
CA GLY B 273 10.76 -0.11 20.35
C GLY B 273 10.35 1.20 19.70
N TYR B 274 11.02 1.62 18.63
CA TYR B 274 10.76 2.89 18.04
C TYR B 274 9.29 3.10 17.70
N HIS B 275 8.65 2.04 17.22
CA HIS B 275 7.29 2.11 16.83
C HIS B 275 6.32 2.59 17.91
N VAL B 276 6.66 2.54 19.19
CA VAL B 276 5.71 2.99 20.21
C VAL B 276 5.81 4.46 20.57
N VAL B 277 6.85 5.14 20.08
CA VAL B 277 7.15 6.52 20.46
CA VAL B 277 7.03 6.50 20.56
C VAL B 277 6.23 7.48 19.71
N GLY B 278 5.58 8.40 20.40
CA GLY B 278 4.68 9.30 19.69
C GLY B 278 5.27 10.68 19.44
N MET B 279 6.45 10.93 20.01
CA MET B 279 7.12 12.24 19.94
C MET B 279 8.56 12.01 20.27
N LYS B 280 9.45 12.79 19.68
CA LYS B 280 10.82 12.88 20.19
C LYS B 280 10.88 12.87 21.70
N SER B 281 11.79 12.09 22.24
CA SER B 281 11.98 12.08 23.65
C SER B 281 12.38 13.49 24.13
N VAL B 282 11.77 13.90 25.23
CA VAL B 282 12.15 15.19 25.87
C VAL B 282 13.62 15.15 26.31
N ASP B 283 14.17 13.97 26.53
CA ASP B 283 15.56 13.86 26.98
C ASP B 283 16.54 13.82 25.86
N ALA B 284 16.06 13.89 24.60
CA ALA B 284 16.95 13.76 23.46
C ALA B 284 17.18 15.11 22.83
N PRO B 285 18.38 15.37 22.34
CA PRO B 285 18.52 16.61 21.60
C PRO B 285 17.80 16.49 20.25
N ASP B 286 17.24 17.61 19.79
CA ASP B 286 16.77 17.73 18.44
C ASP B 286 18.04 17.70 17.60
N ILE B 287 17.98 17.23 16.36
CA ILE B 287 19.17 17.20 15.48
C ILE B 287 18.78 17.68 14.07
#